data_2B0L
#
_entry.id   2B0L
#
_cell.length_a   68.128
_cell.length_b   68.128
_cell.length_c   164.903
_cell.angle_alpha   90.00
_cell.angle_beta   90.00
_cell.angle_gamma   90.00
#
_symmetry.space_group_name_H-M   'P 4 2 2'
#
loop_
_entity.id
_entity.type
_entity.pdbx_description
1 polymer 'GTP-sensing transcriptional pleiotropic repressor codY'
2 water water
#
_entity_poly.entity_id   1
_entity_poly.type   'polypeptide(L)'
_entity_poly.pdbx_seq_one_letter_code
;GSSHHHHHHMSKAVVQMAISSLSYSELEAIEHIFEELDGNEGLLVASKIADRVGITRSVIVNALRKLESAGVIESRSLGM
KGTYIKVLNNKFLIELENLKSH
;
_entity_poly.pdbx_strand_id   A,B,C
#
# COMPACT_ATOMS: atom_id res chain seq x y z
N HIS A 4 -35.68 -4.45 8.56
CA HIS A 4 -36.52 -3.53 7.81
C HIS A 4 -35.97 -3.29 6.41
N HIS A 5 -34.69 -2.92 6.35
CA HIS A 5 -34.22 -1.97 5.34
C HIS A 5 -33.77 -2.68 4.07
N HIS A 6 -34.12 -3.96 3.96
CA HIS A 6 -33.92 -4.71 2.73
C HIS A 6 -32.46 -4.67 2.31
N HIS A 7 -31.57 -4.61 3.30
N HIS A 7 -31.56 -4.56 3.28
CA HIS A 7 -30.13 -4.44 3.06
CA HIS A 7 -30.13 -4.53 2.97
C HIS A 7 -29.80 -3.64 1.80
C HIS A 7 -29.82 -3.63 1.76
N HIS A 8 -29.90 -2.32 1.98
CA HIS A 8 -29.50 -1.34 1.00
C HIS A 8 -28.01 -1.45 0.90
N HIS A 9 -27.37 -1.68 2.04
CA HIS A 9 -25.91 -1.76 2.12
C HIS A 9 -25.25 -1.93 0.76
N MET A 10 -25.66 -2.95 0.03
CA MET A 10 -25.07 -3.24 -1.28
C MET A 10 -25.02 -1.98 -2.14
N SER A 11 -26.13 -1.27 -2.20
CA SER A 11 -26.19 -0.01 -2.92
C SER A 11 -25.29 1.05 -2.29
N LYS A 12 -25.22 1.04 -0.95
CA LYS A 12 -24.29 1.90 -0.23
C LYS A 12 -22.88 1.53 -0.66
N ALA A 13 -22.47 0.30 -0.39
CA ALA A 13 -21.15 -0.15 -0.77
C ALA A 13 -20.78 0.33 -2.14
N VAL A 14 -21.65 0.09 -3.11
CA VAL A 14 -21.35 0.44 -4.49
C VAL A 14 -20.96 1.91 -4.52
N VAL A 15 -21.81 2.76 -3.96
CA VAL A 15 -21.60 4.21 -3.95
C VAL A 15 -20.27 4.56 -3.29
N GLN A 16 -20.13 4.07 -2.06
CA GLN A 16 -18.88 4.18 -1.32
C GLN A 16 -17.69 3.85 -2.21
N MET A 17 -17.77 2.74 -2.92
N MET A 17 -17.77 2.72 -2.91
CA MET A 17 -16.67 2.35 -3.80
CA MET A 17 -16.72 2.27 -3.80
C MET A 17 -16.47 3.40 -4.85
C MET A 17 -16.46 3.26 -4.92
N ALA A 18 -17.53 3.69 -5.59
CA ALA A 18 -17.51 4.70 -6.65
C ALA A 18 -16.73 5.94 -6.22
N ILE A 19 -17.13 6.47 -5.06
CA ILE A 19 -16.50 7.65 -4.48
C ILE A 19 -14.99 7.44 -4.26
N SER A 20 -14.61 6.46 -3.47
CA SER A 20 -13.21 6.26 -3.15
C SER A 20 -12.26 6.24 -4.37
N SER A 21 -12.81 5.96 -5.56
CA SER A 21 -12.02 5.99 -6.80
C SER A 21 -11.82 7.38 -7.41
N LEU A 22 -12.67 8.35 -7.06
CA LEU A 22 -12.56 9.71 -7.57
C LEU A 22 -11.28 10.36 -7.08
N SER A 23 -10.70 11.27 -7.85
CA SER A 23 -9.59 12.10 -7.37
C SER A 23 -10.20 13.29 -6.67
N TYR A 24 -9.35 14.11 -6.06
CA TYR A 24 -9.86 15.17 -5.24
C TYR A 24 -10.55 16.19 -6.12
N SER A 25 -9.94 16.46 -7.27
CA SER A 25 -10.54 17.38 -8.19
C SER A 25 -11.86 16.78 -8.70
N GLU A 26 -11.84 15.50 -9.03
CA GLU A 26 -13.06 14.80 -9.50
C GLU A 26 -14.15 14.82 -8.44
N LEU A 27 -13.80 14.54 -7.19
CA LEU A 27 -14.74 14.67 -6.09
C LEU A 27 -15.36 16.07 -6.05
N GLU A 28 -14.52 17.12 -6.07
CA GLU A 28 -15.00 18.50 -5.95
C GLU A 28 -15.93 18.84 -7.09
N ALA A 29 -15.54 18.42 -8.28
CA ALA A 29 -16.38 18.54 -9.47
C ALA A 29 -17.76 17.89 -9.28
N ILE A 30 -17.80 16.80 -8.51
CA ILE A 30 -19.04 16.04 -8.40
C ILE A 30 -20.11 16.79 -7.58
N GLU A 31 -19.70 17.36 -6.44
CA GLU A 31 -20.62 18.15 -5.60
C GLU A 31 -21.28 19.26 -6.39
N HIS A 32 -20.55 19.91 -7.30
CA HIS A 32 -21.20 20.95 -8.06
C HIS A 32 -22.13 20.34 -9.08
N ILE A 33 -21.71 19.24 -9.71
CA ILE A 33 -22.52 18.67 -10.76
C ILE A 33 -23.91 18.29 -10.23
N PHE A 34 -23.95 17.76 -9.02
CA PHE A 34 -25.17 17.11 -8.55
C PHE A 34 -26.02 18.01 -7.71
N GLU A 35 -26.03 19.28 -8.07
CA GLU A 35 -26.59 20.33 -7.24
C GLU A 35 -27.23 21.29 -8.23
N GLU A 36 -26.56 21.46 -9.36
CA GLU A 36 -27.22 21.86 -10.58
C GLU A 36 -28.31 20.87 -11.02
N LEU A 37 -28.41 19.71 -10.36
CA LEU A 37 -29.42 18.73 -10.70
C LEU A 37 -30.76 19.05 -10.08
N ASP A 38 -31.84 18.63 -10.74
CA ASP A 38 -33.18 18.76 -10.18
C ASP A 38 -33.65 17.40 -9.65
N GLY A 39 -33.01 16.97 -8.57
CA GLY A 39 -33.35 15.70 -7.91
C GLY A 39 -32.62 14.56 -8.57
N ASN A 40 -33.38 13.62 -9.12
CA ASN A 40 -32.80 12.40 -9.67
C ASN A 40 -32.25 12.46 -11.09
N GLU A 41 -32.93 13.14 -11.98
CA GLU A 41 -32.39 13.34 -13.31
C GLU A 41 -32.21 14.84 -13.63
N GLY A 42 -31.38 15.13 -14.62
CA GLY A 42 -31.26 16.50 -15.05
C GLY A 42 -30.27 16.67 -16.14
N LEU A 43 -29.92 17.94 -16.39
CA LEU A 43 -29.04 18.33 -17.47
C LEU A 43 -27.81 19.08 -16.95
N LEU A 44 -26.64 18.68 -17.45
CA LEU A 44 -25.36 19.25 -17.09
C LEU A 44 -24.71 19.95 -18.29
N VAL A 45 -24.30 21.20 -18.08
CA VAL A 45 -23.41 21.86 -19.03
C VAL A 45 -22.00 21.93 -18.43
N ALA A 46 -21.05 21.25 -19.05
CA ALA A 46 -19.80 20.99 -18.33
C ALA A 46 -18.98 22.25 -18.26
N SER A 47 -19.21 23.13 -19.21
CA SER A 47 -18.48 24.39 -19.28
C SER A 47 -18.81 25.26 -18.05
N LYS A 48 -20.11 25.41 -17.75
CA LYS A 48 -20.54 26.13 -16.56
C LYS A 48 -19.84 25.57 -15.33
N ILE A 49 -19.84 24.24 -15.20
CA ILE A 49 -19.15 23.67 -14.05
C ILE A 49 -17.66 24.03 -14.08
N ALA A 50 -17.05 23.84 -15.26
CA ALA A 50 -15.63 23.99 -15.49
C ALA A 50 -15.20 25.41 -15.15
N ASP A 51 -15.88 26.38 -15.80
CA ASP A 51 -15.76 27.79 -15.52
C ASP A 51 -15.79 28.03 -14.01
N ARG A 52 -16.86 27.61 -13.34
CA ARG A 52 -17.01 27.84 -11.90
C ARG A 52 -15.92 27.30 -10.96
N VAL A 53 -15.53 26.05 -11.17
CA VAL A 53 -14.64 25.37 -10.25
C VAL A 53 -13.20 25.63 -10.65
N GLY A 54 -13.04 26.06 -11.91
CA GLY A 54 -11.71 26.34 -12.51
C GLY A 54 -10.94 25.08 -12.91
N ILE A 55 -11.64 24.12 -13.50
CA ILE A 55 -11.02 22.90 -13.96
C ILE A 55 -11.48 22.66 -15.39
N THR A 56 -10.73 21.81 -16.09
CA THR A 56 -11.03 21.39 -17.46
C THR A 56 -12.15 20.38 -17.55
N ARG A 57 -12.88 20.41 -18.67
CA ARG A 57 -13.93 19.42 -18.97
C ARG A 57 -13.50 17.95 -18.83
N SER A 58 -12.25 17.63 -19.10
CA SER A 58 -11.75 16.28 -18.87
C SER A 58 -12.08 15.76 -17.49
N VAL A 59 -11.94 16.59 -16.46
CA VAL A 59 -12.16 16.04 -15.11
C VAL A 59 -13.63 15.84 -14.85
N ILE A 60 -14.45 16.80 -15.26
CA ILE A 60 -15.89 16.60 -15.33
C ILE A 60 -16.24 15.30 -16.04
N VAL A 61 -15.71 15.14 -17.26
CA VAL A 61 -16.01 13.96 -18.06
C VAL A 61 -15.60 12.68 -17.35
N ASN A 62 -14.47 12.73 -16.66
CA ASN A 62 -13.87 11.53 -16.09
C ASN A 62 -14.57 11.08 -14.82
N ALA A 63 -14.61 11.97 -13.83
CA ALA A 63 -15.60 11.90 -12.77
C ALA A 63 -16.88 11.21 -13.25
N LEU A 64 -17.47 11.74 -14.32
CA LEU A 64 -18.68 11.17 -14.89
C LEU A 64 -18.55 9.70 -15.27
N ARG A 65 -17.54 9.36 -16.06
CA ARG A 65 -17.32 7.97 -16.45
C ARG A 65 -17.23 7.06 -15.23
N LYS A 66 -16.33 7.39 -14.32
CA LYS A 66 -16.11 6.58 -13.13
C LYS A 66 -17.44 6.22 -12.46
N LEU A 67 -18.26 7.23 -12.21
CA LEU A 67 -19.59 7.01 -11.66
C LEU A 67 -20.39 6.03 -12.52
N GLU A 68 -20.45 6.31 -13.82
CA GLU A 68 -21.29 5.50 -14.75
C GLU A 68 -20.81 4.06 -14.85
N SER A 69 -19.50 3.86 -14.79
CA SER A 69 -18.95 2.55 -14.92
C SER A 69 -19.20 1.72 -13.64
N ALA A 70 -19.39 2.39 -12.52
CA ALA A 70 -19.78 1.72 -11.30
C ALA A 70 -21.29 1.55 -11.31
N GLY A 71 -21.95 2.02 -12.37
CA GLY A 71 -23.43 1.95 -12.51
C GLY A 71 -24.28 2.82 -11.60
N VAL A 72 -23.65 3.79 -10.94
CA VAL A 72 -24.36 4.70 -10.05
C VAL A 72 -25.27 5.64 -10.84
N ILE A 73 -24.74 6.19 -11.92
CA ILE A 73 -25.55 7.02 -12.83
C ILE A 73 -25.68 6.36 -14.20
N GLU A 74 -26.49 6.96 -15.06
CA GLU A 74 -26.31 6.83 -16.50
C GLU A 74 -26.46 8.17 -17.21
N SER A 75 -25.61 8.41 -18.20
CA SER A 75 -25.49 9.73 -18.82
C SER A 75 -25.56 9.63 -20.34
N ARG A 76 -26.06 10.69 -20.97
CA ARG A 76 -26.34 10.66 -22.40
C ARG A 76 -26.08 12.02 -23.04
N SER A 77 -25.01 12.12 -23.82
CA SER A 77 -25.01 12.95 -25.02
C SER A 77 -26.40 13.49 -25.31
N LEU A 78 -26.62 14.76 -24.98
CA LEU A 78 -27.44 15.63 -25.81
C LEU A 78 -26.57 16.51 -26.72
N GLY A 79 -25.83 15.86 -27.61
CA GLY A 79 -24.80 16.54 -28.42
C GLY A 79 -24.73 18.02 -28.11
N MET A 80 -25.20 18.80 -29.08
CA MET A 80 -25.61 20.21 -28.91
C MET A 80 -25.25 20.83 -27.54
N LYS A 81 -26.27 20.96 -26.70
CA LYS A 81 -26.21 21.73 -25.48
C LYS A 81 -25.51 20.88 -24.44
N GLY A 82 -26.20 20.50 -23.38
CA GLY A 82 -25.54 19.75 -22.31
C GLY A 82 -25.41 18.24 -22.46
N THR A 83 -25.16 17.60 -21.31
CA THR A 83 -25.22 16.14 -21.19
C THR A 83 -26.31 15.76 -20.19
N TYR A 84 -27.12 14.77 -20.56
CA TYR A 84 -28.31 14.41 -19.78
C TYR A 84 -27.87 13.37 -18.78
N ILE A 85 -28.06 13.66 -17.50
CA ILE A 85 -27.63 12.76 -16.44
C ILE A 85 -28.82 12.19 -15.68
N LYS A 86 -28.74 10.91 -15.33
CA LYS A 86 -29.79 10.25 -14.56
C LYS A 86 -29.21 9.39 -13.45
N VAL A 87 -29.63 9.66 -12.22
CA VAL A 87 -29.19 8.88 -11.07
C VAL A 87 -29.94 7.56 -10.98
N LEU A 88 -29.19 6.46 -10.91
CA LEU A 88 -29.77 5.13 -10.88
C LEU A 88 -29.80 4.57 -9.46
N ASN A 89 -28.97 5.14 -8.59
CA ASN A 89 -28.83 4.63 -7.23
C ASN A 89 -29.33 5.61 -6.17
N ASN A 90 -30.40 5.20 -5.48
CA ASN A 90 -31.01 6.02 -4.43
C ASN A 90 -30.09 6.49 -3.29
N LYS A 91 -29.15 5.64 -2.85
CA LYS A 91 -28.22 5.98 -1.78
C LYS A 91 -27.13 7.01 -2.12
N PHE A 92 -26.94 7.31 -3.43
CA PHE A 92 -25.87 8.22 -3.90
C PHE A 92 -25.96 9.63 -3.33
N LEU A 93 -27.06 10.28 -3.67
CA LEU A 93 -27.26 11.66 -3.29
C LEU A 93 -27.22 11.80 -1.76
N ILE A 94 -27.57 10.74 -1.02
CA ILE A 94 -27.39 10.78 0.43
C ILE A 94 -25.91 11.02 0.71
N GLU A 95 -25.06 10.07 0.33
CA GLU A 95 -23.63 10.25 0.53
C GLU A 95 -23.13 11.61 0.07
N LEU A 96 -23.53 12.02 -1.14
CA LEU A 96 -23.07 13.29 -1.65
C LEU A 96 -23.51 14.35 -0.66
N GLU A 97 -24.83 14.48 -0.56
CA GLU A 97 -25.46 15.45 0.33
C GLU A 97 -24.85 15.36 1.73
N ASN A 98 -24.65 14.14 2.22
CA ASN A 98 -23.88 13.93 3.44
C ASN A 98 -22.61 14.76 3.47
N LEU A 99 -21.57 14.28 2.78
CA LEU A 99 -20.20 14.67 3.07
C LEU A 99 -19.86 16.01 2.44
N LYS A 100 -20.89 16.82 2.19
CA LYS A 100 -20.69 18.13 1.59
C LYS A 100 -19.74 18.98 2.41
N SER A 101 -18.61 19.36 1.80
CA SER A 101 -17.55 20.09 2.52
C SER A 101 -17.05 21.33 1.74
N HIS B 6 -15.44 -20.62 -2.54
CA HIS B 6 -16.64 -20.22 -1.74
C HIS B 6 -16.56 -18.71 -1.44
N HIS B 7 -15.74 -18.35 -0.46
CA HIS B 7 -15.65 -16.97 0.06
C HIS B 7 -14.70 -16.11 -0.75
N HIS B 8 -13.79 -16.75 -1.48
CA HIS B 8 -12.73 -16.07 -2.25
C HIS B 8 -13.16 -14.98 -3.24
N HIS B 9 -14.46 -14.89 -3.51
N HIS B 9 -14.41 -15.02 -3.70
CA HIS B 9 -15.01 -13.75 -4.24
CA HIS B 9 -14.94 -14.01 -4.62
C HIS B 9 -14.89 -12.41 -3.50
C HIS B 9 -14.79 -12.68 -3.95
N MET B 10 -15.21 -12.34 -2.19
N MET B 10 -14.87 -12.72 -2.62
CA MET B 10 -15.10 -11.03 -1.51
CA MET B 10 -14.68 -11.56 -1.76
C MET B 10 -13.69 -10.50 -1.76
C MET B 10 -13.24 -11.02 -1.88
N SER B 11 -12.72 -11.41 -1.60
N SER B 11 -12.25 -11.88 -1.66
CA SER B 11 -11.30 -11.13 -1.79
CA SER B 11 -10.86 -11.46 -1.84
C SER B 11 -10.94 -10.64 -3.19
C SER B 11 -10.62 -10.88 -3.23
N LYS B 12 -11.34 -11.38 -4.22
CA LYS B 12 -11.26 -10.86 -5.60
C LYS B 12 -11.85 -9.46 -5.65
N ALA B 13 -13.09 -9.33 -5.15
CA ALA B 13 -13.80 -8.06 -5.14
C ALA B 13 -12.92 -7.01 -4.55
N VAL B 14 -12.45 -7.25 -3.32
CA VAL B 14 -11.59 -6.30 -2.63
C VAL B 14 -10.44 -5.85 -3.56
N VAL B 15 -9.77 -6.81 -4.19
CA VAL B 15 -8.66 -6.50 -5.09
C VAL B 15 -9.12 -5.63 -6.26
N GLN B 16 -10.13 -6.07 -7.00
CA GLN B 16 -10.63 -5.26 -8.10
C GLN B 16 -11.06 -3.89 -7.60
N MET B 17 -11.76 -3.84 -6.48
CA MET B 17 -12.11 -2.58 -5.85
CA MET B 17 -12.11 -2.58 -5.85
C MET B 17 -10.88 -1.69 -5.66
N ALA B 18 -9.90 -2.21 -4.93
CA ALA B 18 -8.66 -1.47 -4.66
C ALA B 18 -7.98 -1.02 -5.93
N ILE B 19 -7.74 -1.95 -6.85
CA ILE B 19 -6.91 -1.66 -8.02
C ILE B 19 -7.62 -0.67 -8.95
N SER B 20 -8.95 -0.62 -8.86
CA SER B 20 -9.76 0.24 -9.73
C SER B 20 -9.86 1.68 -9.25
N SER B 21 -9.30 1.95 -8.08
CA SER B 21 -9.32 3.30 -7.53
C SER B 21 -7.98 3.99 -7.75
N LEU B 22 -7.08 3.27 -8.42
CA LEU B 22 -5.72 3.73 -8.69
C LEU B 22 -5.70 4.57 -9.96
N SER B 23 -4.95 5.67 -9.95
CA SER B 23 -4.80 6.49 -11.14
C SER B 23 -4.00 5.70 -12.14
N TYR B 24 -4.08 6.08 -13.40
CA TYR B 24 -3.48 5.30 -14.49
C TYR B 24 -1.96 5.16 -14.27
N SER B 25 -1.34 6.26 -13.85
CA SER B 25 0.07 6.28 -13.56
C SER B 25 0.38 5.52 -12.28
N GLU B 26 -0.57 5.54 -11.33
CA GLU B 26 -0.47 4.79 -10.07
C GLU B 26 -0.49 3.29 -10.33
N LEU B 27 -1.27 2.87 -11.33
CA LEU B 27 -1.35 1.48 -11.68
C LEU B 27 -0.03 1.04 -12.24
N GLU B 28 0.50 1.85 -13.15
CA GLU B 28 1.79 1.64 -13.75
C GLU B 28 2.85 1.47 -12.68
N ALA B 29 2.83 2.34 -11.67
CA ALA B 29 3.86 2.32 -10.61
C ALA B 29 3.91 1.04 -9.73
N ILE B 30 2.76 0.49 -9.39
CA ILE B 30 2.71 -0.74 -8.57
C ILE B 30 3.02 -1.96 -9.44
N GLU B 31 2.57 -1.88 -10.69
CA GLU B 31 2.97 -2.81 -11.75
C GLU B 31 4.45 -3.16 -11.63
N HIS B 32 5.27 -2.14 -11.38
CA HIS B 32 6.72 -2.30 -11.26
C HIS B 32 7.18 -2.59 -9.82
N ILE B 33 6.60 -1.90 -8.85
CA ILE B 33 6.87 -2.24 -7.48
C ILE B 33 6.76 -3.76 -7.31
N PHE B 34 5.74 -4.34 -7.95
CA PHE B 34 5.46 -5.76 -7.76
C PHE B 34 6.11 -6.74 -8.76
N GLU B 35 6.63 -6.20 -9.87
CA GLU B 35 7.59 -6.95 -10.69
C GLU B 35 8.97 -7.02 -10.02
N GLU B 36 9.25 -6.07 -9.11
CA GLU B 36 10.35 -6.21 -8.14
C GLU B 36 9.96 -7.34 -7.17
N LEU B 37 10.34 -8.54 -7.60
CA LEU B 37 9.60 -9.78 -7.34
C LEU B 37 9.55 -10.31 -5.91
N ASP B 38 9.63 -11.63 -5.82
CA ASP B 38 9.02 -12.41 -4.75
C ASP B 38 7.50 -12.22 -4.86
N GLY B 39 6.78 -12.62 -3.82
CA GLY B 39 5.34 -12.53 -3.86
C GLY B 39 4.75 -12.70 -2.48
N ASN B 40 5.18 -11.86 -1.56
CA ASN B 40 4.61 -11.80 -0.23
C ASN B 40 5.14 -10.56 0.44
N GLU B 41 6.46 -10.42 0.40
CA GLU B 41 7.14 -9.37 1.16
C GLU B 41 8.50 -9.07 0.56
N GLY B 42 9.14 -8.06 1.13
CA GLY B 42 10.35 -7.47 0.58
C GLY B 42 10.19 -5.98 0.72
N LEU B 43 11.10 -5.21 0.11
CA LEU B 43 11.10 -3.75 0.26
C LEU B 43 11.64 -3.03 -0.99
N LEU B 44 11.42 -1.71 -1.03
CA LEU B 44 12.29 -0.82 -1.78
C LEU B 44 12.27 0.59 -1.19
N VAL B 45 12.82 1.56 -1.92
CA VAL B 45 12.60 2.96 -1.62
C VAL B 45 12.01 3.55 -2.88
N ALA B 46 11.10 4.51 -2.70
CA ALA B 46 10.43 5.18 -3.80
C ALA B 46 11.35 6.17 -4.53
N SER B 47 12.55 6.37 -3.97
CA SER B 47 13.61 7.16 -4.61
C SER B 47 14.25 6.33 -5.71
N LYS B 48 14.48 5.06 -5.41
CA LYS B 48 15.18 4.19 -6.31
C LYS B 48 14.31 3.65 -7.45
N ILE B 49 13.00 3.83 -7.36
CA ILE B 49 12.09 3.43 -8.46
C ILE B 49 11.65 4.65 -9.31
N ALA B 50 11.71 5.84 -8.74
CA ALA B 50 11.43 7.10 -9.46
C ALA B 50 12.59 7.52 -10.37
N ASP B 51 13.80 7.48 -9.82
CA ASP B 51 15.01 7.78 -10.59
C ASP B 51 15.42 6.58 -11.43
N ARG B 52 14.44 5.74 -11.79
CA ARG B 52 14.70 4.43 -12.41
C ARG B 52 13.75 4.12 -13.57
N VAL B 53 12.45 4.16 -13.28
CA VAL B 53 11.40 3.86 -14.27
C VAL B 53 10.88 5.15 -14.91
N GLY B 54 11.09 6.26 -14.21
CA GLY B 54 10.64 7.56 -14.71
C GLY B 54 9.25 7.91 -14.25
N ILE B 55 8.98 7.68 -12.96
CA ILE B 55 7.75 8.17 -12.34
C ILE B 55 8.01 8.68 -10.92
N THR B 56 7.43 9.83 -10.60
CA THR B 56 7.83 10.58 -9.42
C THR B 56 7.59 9.76 -8.15
N ARG B 57 8.25 10.16 -7.06
CA ARG B 57 8.32 9.32 -5.87
C ARG B 57 7.04 9.41 -5.05
N SER B 58 6.14 10.30 -5.45
CA SER B 58 4.90 10.52 -4.73
C SER B 58 3.83 9.52 -5.17
N VAL B 59 3.74 9.30 -6.49
CA VAL B 59 2.77 8.37 -7.05
C VAL B 59 3.00 6.95 -6.50
N ILE B 60 4.26 6.64 -6.19
CA ILE B 60 4.65 5.42 -5.51
C ILE B 60 4.04 5.41 -4.12
N VAL B 61 4.16 6.54 -3.44
CA VAL B 61 3.78 6.63 -2.04
C VAL B 61 2.27 6.59 -1.83
N ASN B 62 1.48 7.22 -2.68
CA ASN B 62 0.04 7.08 -2.46
C ASN B 62 -0.69 5.96 -3.24
N ALA B 63 0.01 5.35 -4.20
CA ALA B 63 -0.44 4.07 -4.78
C ALA B 63 -0.44 3.03 -3.68
N LEU B 64 0.66 3.02 -2.92
CA LEU B 64 0.80 2.18 -1.74
C LEU B 64 -0.27 2.49 -0.69
N ARG B 65 -0.40 3.77 -0.34
CA ARG B 65 -1.34 4.23 0.68
C ARG B 65 -2.76 3.72 0.39
N LYS B 66 -3.10 3.61 -0.89
CA LYS B 66 -4.40 3.09 -1.32
C LYS B 66 -4.57 1.56 -1.17
N LEU B 67 -3.54 0.80 -1.54
CA LEU B 67 -3.60 -0.65 -1.45
C LEU B 67 -3.73 -0.98 0.01
N GLU B 68 -2.99 -0.22 0.82
CA GLU B 68 -3.00 -0.38 2.28
C GLU B 68 -4.31 0.08 2.93
N SER B 69 -4.98 1.07 2.36
CA SER B 69 -6.30 1.46 2.89
C SER B 69 -7.34 0.40 2.55
N ALA B 70 -7.16 -0.27 1.40
CA ALA B 70 -8.07 -1.35 0.97
C ALA B 70 -7.88 -2.59 1.80
N GLY B 71 -6.77 -2.61 2.56
CA GLY B 71 -6.38 -3.75 3.38
C GLY B 71 -5.54 -4.77 2.61
N VAL B 72 -5.25 -4.46 1.35
CA VAL B 72 -4.61 -5.40 0.41
C VAL B 72 -3.16 -5.68 0.80
N ILE B 73 -2.53 -4.70 1.45
CA ILE B 73 -1.12 -4.84 1.85
C ILE B 73 -0.84 -4.16 3.18
N GLU B 74 0.33 -4.42 3.74
CA GLU B 74 0.80 -3.61 4.87
C GLU B 74 2.23 -3.14 4.66
N SER B 75 2.53 -2.00 5.29
CA SER B 75 3.85 -1.40 5.16
C SER B 75 4.29 -0.64 6.40
N ARG B 76 5.25 -1.21 7.11
CA ARG B 76 6.06 -0.39 8.00
C ARG B 76 7.06 0.32 7.11
N SER B 77 6.92 1.65 7.04
CA SER B 77 7.76 2.46 6.15
C SER B 77 9.21 2.58 6.63
N LEU B 78 9.61 1.64 7.50
CA LEU B 78 10.93 1.60 8.13
C LEU B 78 11.33 2.93 8.80
N GLY B 79 12.62 3.09 9.07
CA GLY B 79 13.14 4.34 9.60
C GLY B 79 13.91 5.15 8.58
N MET B 80 13.30 5.35 7.40
CA MET B 80 13.86 6.15 6.27
C MET B 80 14.79 5.35 5.31
N LYS B 81 15.33 4.23 5.77
CA LYS B 81 16.31 3.46 5.01
C LYS B 81 15.67 2.49 4.01
N GLY B 82 14.35 2.48 3.97
CA GLY B 82 13.61 1.69 3.00
C GLY B 82 12.13 1.84 3.25
N THR B 83 11.32 0.97 2.65
CA THR B 83 9.90 0.85 2.96
C THR B 83 9.35 -0.58 2.74
N TYR B 84 9.10 -1.28 3.85
CA TYR B 84 8.78 -2.70 3.86
C TYR B 84 7.33 -3.00 3.46
N ILE B 85 7.18 -3.88 2.47
CA ILE B 85 5.87 -4.23 1.92
C ILE B 85 5.50 -5.69 2.14
N LYS B 86 4.32 -5.92 2.70
CA LYS B 86 3.78 -7.25 2.80
C LYS B 86 2.40 -7.30 2.15
N VAL B 87 2.24 -8.13 1.13
CA VAL B 87 0.91 -8.42 0.55
C VAL B 87 0.24 -9.34 1.53
N LEU B 88 -0.87 -8.90 2.11
CA LEU B 88 -1.54 -9.73 3.10
C LEU B 88 -2.83 -10.35 2.54
N ASN B 89 -3.12 -9.98 1.30
CA ASN B 89 -4.29 -10.48 0.57
C ASN B 89 -3.91 -11.55 -0.45
N ASN B 90 -4.02 -12.80 0.00
CA ASN B 90 -3.91 -14.00 -0.83
C ASN B 90 -3.97 -13.72 -2.36
N LYS B 91 -5.09 -13.16 -2.81
CA LYS B 91 -5.42 -13.07 -4.24
C LYS B 91 -4.92 -11.84 -5.00
N PHE B 92 -4.26 -10.91 -4.33
CA PHE B 92 -3.75 -9.73 -5.03
C PHE B 92 -2.75 -10.17 -6.08
N LEU B 93 -1.88 -11.07 -5.64
CA LEU B 93 -0.88 -11.77 -6.44
C LEU B 93 -1.31 -11.99 -7.91
N ILE B 94 -2.28 -12.89 -8.11
CA ILE B 94 -2.67 -13.34 -9.44
C ILE B 94 -3.42 -12.24 -10.16
N GLU B 95 -4.33 -11.61 -9.42
CA GLU B 95 -5.27 -10.62 -9.96
C GLU B 95 -4.57 -9.39 -10.55
N LEU B 96 -3.36 -9.11 -10.04
CA LEU B 96 -2.51 -8.04 -10.54
C LEU B 96 -2.04 -8.40 -11.96
N GLU B 97 -1.04 -9.27 -12.05
CA GLU B 97 -0.51 -9.77 -13.33
C GLU B 97 -1.02 -9.09 -14.61
N ASN B 98 -2.30 -9.30 -14.91
CA ASN B 98 -2.86 -8.88 -16.19
C ASN B 98 -3.61 -7.55 -16.10
N LEU B 99 -2.92 -6.48 -16.43
CA LEU B 99 -3.24 -5.16 -15.88
C LEU B 99 -3.15 -4.08 -16.95
N LYS B 100 -3.95 -3.03 -16.80
CA LYS B 100 -3.95 -1.92 -17.75
C LYS B 100 -4.51 -0.65 -17.12
N HIS C 6 9.27 -7.80 40.10
CA HIS C 6 9.39 -7.81 38.61
C HIS C 6 10.84 -7.90 38.14
N HIS C 7 11.69 -7.00 38.65
CA HIS C 7 13.10 -6.86 38.25
C HIS C 7 13.35 -6.53 36.78
N HIS C 8 14.61 -6.33 36.43
CA HIS C 8 14.97 -5.68 35.17
C HIS C 8 16.23 -6.30 34.57
N HIS C 9 17.16 -6.69 35.43
CA HIS C 9 18.51 -7.02 35.00
C HIS C 9 18.50 -8.04 33.87
N MET C 10 17.39 -8.77 33.75
CA MET C 10 17.39 -10.08 33.11
C MET C 10 17.66 -9.94 31.61
N SER C 11 17.26 -8.81 31.04
CA SER C 11 17.61 -8.49 29.66
C SER C 11 19.10 -8.32 29.49
N LYS C 12 19.73 -7.65 30.45
CA LYS C 12 21.17 -7.44 30.43
C LYS C 12 21.92 -8.77 30.49
N ALA C 13 21.33 -9.75 31.19
CA ALA C 13 21.96 -11.05 31.35
C ALA C 13 21.83 -11.89 30.09
N VAL C 14 20.64 -11.89 29.51
CA VAL C 14 20.38 -12.66 28.30
C VAL C 14 21.21 -12.14 27.12
N VAL C 15 21.34 -10.82 27.03
CA VAL C 15 22.22 -10.20 26.04
C VAL C 15 23.67 -10.58 26.29
N GLN C 16 24.11 -10.47 27.54
CA GLN C 16 25.49 -10.80 27.91
C GLN C 16 25.85 -12.20 27.43
N MET C 17 25.13 -13.20 27.94
CA MET C 17 25.48 -14.59 27.68
C MET C 17 25.32 -14.95 26.21
N ALA C 18 24.43 -14.23 25.53
CA ALA C 18 24.26 -14.40 24.09
C ALA C 18 25.51 -14.01 23.32
N ILE C 19 26.14 -12.92 23.75
CA ILE C 19 27.43 -12.52 23.19
C ILE C 19 28.50 -13.57 23.45
N SER C 20 28.50 -14.14 24.66
CA SER C 20 29.52 -15.09 25.06
C SER C 20 29.51 -16.33 24.18
N SER C 21 28.34 -16.70 23.69
CA SER C 21 28.18 -17.93 22.92
C SER C 21 28.75 -17.78 21.51
N LEU C 22 28.65 -16.57 20.97
CA LEU C 22 29.30 -16.23 19.73
C LEU C 22 30.78 -16.63 19.75
N SER C 23 31.39 -16.71 18.58
CA SER C 23 32.83 -16.87 18.46
C SER C 23 33.52 -15.50 18.52
N TYR C 24 34.42 -15.21 17.58
CA TYR C 24 35.06 -13.89 17.51
C TYR C 24 35.12 -13.39 16.07
N SER C 25 35.15 -14.33 15.14
CA SER C 25 34.80 -14.06 13.75
C SER C 25 33.28 -13.92 13.63
N GLU C 26 32.55 -14.62 14.50
CA GLU C 26 31.11 -14.40 14.65
C GLU C 26 30.83 -13.01 15.21
N LEU C 27 31.45 -12.69 16.33
CA LEU C 27 31.24 -11.41 16.99
C LEU C 27 31.76 -10.26 16.15
N GLU C 28 32.50 -10.59 15.09
CA GLU C 28 32.90 -9.61 14.09
C GLU C 28 31.85 -9.48 13.00
N ALA C 29 31.22 -10.60 12.65
CA ALA C 29 30.15 -10.60 11.67
C ALA C 29 28.92 -9.85 12.20
N ILE C 30 28.73 -9.91 13.51
CA ILE C 30 27.49 -9.45 14.12
C ILE C 30 27.42 -7.92 14.14
N GLU C 31 28.59 -7.29 14.15
CA GLU C 31 28.67 -5.83 14.23
C GLU C 31 28.62 -5.19 12.85
N HIS C 32 29.11 -5.92 11.85
CA HIS C 32 28.90 -5.54 10.46
C HIS C 32 27.44 -5.69 10.06
N ILE C 33 26.74 -6.61 10.72
CA ILE C 33 25.31 -6.77 10.50
C ILE C 33 24.52 -5.68 11.22
N PHE C 34 24.72 -5.55 12.52
CA PHE C 34 23.81 -4.81 13.37
C PHE C 34 24.16 -3.32 13.39
N GLU C 35 25.35 -3.00 13.91
CA GLU C 35 25.76 -1.61 14.09
C GLU C 35 25.80 -0.88 12.75
N GLU C 36 25.89 -1.64 11.67
CA GLU C 36 25.64 -1.10 10.34
C GLU C 36 24.15 -1.06 10.02
N LEU C 37 23.75 -1.77 8.97
CA LEU C 37 22.36 -1.72 8.47
C LEU C 37 21.37 -1.17 9.51
N ASP C 38 21.18 0.16 9.47
CA ASP C 38 20.60 0.93 10.56
C ASP C 38 19.19 0.54 10.98
N GLY C 39 18.81 0.94 12.19
CA GLY C 39 17.46 0.77 12.67
C GLY C 39 17.32 -0.28 13.75
N ASN C 40 16.13 -0.30 14.35
CA ASN C 40 15.71 -1.29 15.35
C ASN C 40 15.46 -2.67 14.70
N GLU C 41 15.43 -2.68 13.36
CA GLU C 41 15.14 -3.87 12.56
C GLU C 41 15.61 -3.66 11.11
N GLY C 42 15.49 -4.71 10.28
CA GLY C 42 15.89 -4.62 8.87
C GLY C 42 16.08 -5.95 8.15
N LEU C 43 16.30 -5.87 6.84
CA LEU C 43 16.50 -7.06 6.02
C LEU C 43 17.89 -7.06 5.39
N LEU C 44 18.63 -8.14 5.59
CA LEU C 44 20.07 -8.14 5.36
C LEU C 44 20.48 -9.33 4.49
N VAL C 45 21.40 -9.09 3.56
CA VAL C 45 21.82 -10.11 2.61
C VAL C 45 23.29 -10.47 2.81
N ALA C 46 23.58 -11.77 2.77
CA ALA C 46 24.95 -12.26 2.97
C ALA C 46 25.65 -12.48 1.63
N SER C 47 25.69 -11.43 0.80
CA SER C 47 26.43 -11.47 -0.44
C SER C 47 27.21 -10.17 -0.66
N LYS C 48 26.60 -9.05 -0.28
CA LYS C 48 27.33 -7.81 -0.09
C LYS C 48 28.04 -7.79 1.26
N ILE C 49 27.39 -8.35 2.28
CA ILE C 49 28.00 -8.49 3.60
C ILE C 49 29.10 -9.55 3.56
N ALA C 50 29.07 -10.41 2.56
CA ALA C 50 29.96 -11.57 2.50
C ALA C 50 31.29 -11.22 1.86
N ASP C 51 31.31 -10.12 1.10
CA ASP C 51 32.48 -9.75 0.32
C ASP C 51 33.31 -8.70 1.05
N ARG C 52 32.83 -8.27 2.21
CA ARG C 52 33.29 -7.01 2.80
C ARG C 52 33.62 -7.20 4.28
N VAL C 53 33.50 -8.43 4.76
CA VAL C 53 34.19 -8.84 5.98
C VAL C 53 35.38 -9.74 5.65
N GLY C 54 35.58 -10.01 4.37
CA GLY C 54 34.85 -11.07 3.70
C GLY C 54 34.85 -12.36 4.48
N ILE C 55 33.73 -13.08 4.43
CA ILE C 55 33.55 -14.29 5.23
C ILE C 55 32.32 -15.07 4.78
N THR C 56 32.29 -16.36 5.11
CA THR C 56 31.36 -17.29 4.49
C THR C 56 29.92 -16.94 4.84
N ARG C 57 28.98 -17.55 4.13
CA ARG C 57 27.57 -17.42 4.45
C ARG C 57 27.20 -18.21 5.70
N SER C 58 28.05 -19.17 6.06
CA SER C 58 27.72 -20.15 7.09
C SER C 58 27.98 -19.58 8.48
N VAL C 59 28.82 -18.56 8.55
CA VAL C 59 29.19 -17.95 9.82
C VAL C 59 28.35 -16.71 10.11
N ILE C 60 27.94 -16.02 9.05
CA ILE C 60 26.92 -14.98 9.16
C ILE C 60 25.54 -15.57 9.38
N VAL C 61 25.33 -16.79 8.88
CA VAL C 61 24.18 -17.58 9.25
C VAL C 61 24.25 -18.04 10.70
N ASN C 62 25.43 -18.50 11.10
CA ASN C 62 25.58 -19.21 12.36
C ASN C 62 25.69 -18.26 13.56
N ALA C 63 26.07 -17.01 13.28
CA ALA C 63 26.07 -15.97 14.29
C ALA C 63 24.65 -15.46 14.55
N LEU C 64 23.89 -15.29 13.49
CA LEU C 64 22.49 -14.87 13.60
C LEU C 64 21.62 -16.00 14.16
N ARG C 65 22.09 -17.23 14.01
CA ARG C 65 21.47 -18.37 14.70
C ARG C 65 21.57 -18.23 16.21
N LYS C 66 22.69 -17.68 16.67
CA LYS C 66 23.01 -17.67 18.10
C LYS C 66 22.28 -16.55 18.82
N LEU C 67 22.15 -15.40 18.15
CA LEU C 67 21.34 -14.30 18.67
C LEU C 67 19.85 -14.61 18.59
N GLU C 68 19.53 -15.76 18.00
CA GLU C 68 18.14 -16.13 17.76
C GLU C 68 17.64 -17.12 18.81
N SER C 69 18.32 -18.26 18.90
CA SER C 69 18.00 -19.29 19.89
C SER C 69 18.19 -18.80 21.33
N ALA C 70 19.12 -17.87 21.52
CA ALA C 70 19.25 -17.15 22.79
C ALA C 70 18.11 -16.17 22.99
N GLY C 71 17.56 -15.68 21.89
CA GLY C 71 16.23 -15.09 21.90
C GLY C 71 16.27 -13.58 21.72
N VAL C 72 17.38 -13.08 21.21
CA VAL C 72 17.61 -11.64 21.12
C VAL C 72 17.12 -11.09 19.78
N ILE C 73 17.09 -11.95 18.77
CA ILE C 73 16.61 -11.56 17.45
C ILE C 73 15.70 -12.63 16.85
N GLU C 74 14.82 -12.21 15.94
CA GLU C 74 14.21 -13.12 14.98
C GLU C 74 14.62 -12.76 13.55
N SER C 75 14.59 -13.75 12.67
CA SER C 75 15.09 -13.58 11.31
C SER C 75 14.25 -14.38 10.32
N ARG C 76 13.45 -13.67 9.52
CA ARG C 76 12.63 -14.30 8.50
C ARG C 76 13.40 -14.52 7.21
N SER C 77 13.06 -15.59 6.50
CA SER C 77 13.93 -16.11 5.44
C SER C 77 13.39 -15.72 4.06
N LEU C 78 13.04 -16.73 3.26
CA LEU C 78 12.71 -16.51 1.86
C LEU C 78 13.48 -15.33 1.29
N GLY C 79 14.62 -15.61 0.68
CA GLY C 79 15.45 -14.58 0.08
C GLY C 79 16.12 -15.03 -1.20
N MET C 80 15.36 -15.05 -2.29
CA MET C 80 15.87 -14.61 -3.58
C MET C 80 16.33 -13.16 -3.53
N LYS C 81 16.03 -12.48 -2.43
CA LYS C 81 16.83 -11.36 -1.98
C LYS C 81 17.63 -11.74 -0.73
N GLY C 82 16.99 -11.70 0.42
CA GLY C 82 17.66 -11.41 1.67
C GLY C 82 17.06 -12.15 2.85
N THR C 83 17.36 -11.70 4.06
CA THR C 83 16.73 -12.22 5.25
C THR C 83 16.48 -11.11 6.27
N TYR C 84 15.25 -11.04 6.77
CA TYR C 84 14.79 -9.87 7.51
C TYR C 84 14.82 -10.13 9.02
N ILE C 85 15.06 -9.08 9.79
CA ILE C 85 15.64 -9.21 11.12
C ILE C 85 15.08 -8.17 12.08
N LYS C 86 14.65 -8.61 13.25
CA LYS C 86 14.18 -7.72 14.30
C LYS C 86 14.95 -7.93 15.60
N VAL C 87 15.31 -6.83 16.26
CA VAL C 87 16.01 -6.90 17.54
C VAL C 87 15.02 -6.81 18.70
N LEU C 88 14.49 -7.96 19.11
CA LEU C 88 13.42 -8.00 20.09
C LEU C 88 13.81 -7.24 21.36
N ASN C 89 14.99 -7.52 21.88
CA ASN C 89 15.49 -6.85 23.08
C ASN C 89 16.02 -5.45 22.83
N ASN C 90 15.70 -4.53 23.73
CA ASN C 90 16.21 -3.17 23.66
C ASN C 90 17.68 -3.07 24.05
N LYS C 91 18.13 -4.02 24.87
CA LYS C 91 19.45 -3.93 25.48
C LYS C 91 20.53 -4.42 24.53
N PHE C 92 20.13 -5.24 23.56
CA PHE C 92 21.08 -5.95 22.72
C PHE C 92 21.94 -4.99 21.92
N LEU C 93 21.29 -4.05 21.25
CA LEU C 93 21.99 -2.99 20.53
C LEU C 93 22.93 -2.23 21.46
N ILE C 94 22.42 -1.84 22.62
CA ILE C 94 23.16 -0.99 23.54
C ILE C 94 24.45 -1.68 24.01
N GLU C 95 24.38 -2.99 24.21
CA GLU C 95 25.58 -3.78 24.47
C GLU C 95 26.49 -3.81 23.25
N LEU C 96 25.90 -3.79 22.06
CA LEU C 96 26.64 -4.00 20.83
C LEU C 96 27.25 -2.69 20.33
N GLU C 97 26.50 -1.61 20.43
CA GLU C 97 27.04 -0.28 20.23
C GLU C 97 28.11 0.04 21.29
N ASN C 98 28.31 -0.89 22.21
CA ASN C 98 29.28 -0.70 23.28
C ASN C 98 30.64 -1.30 22.94
N LEU C 99 31.04 -2.32 23.68
CA LEU C 99 32.40 -2.86 23.59
C LEU C 99 32.63 -3.57 22.27
#